data_4CQU
#
_entry.id   4CQU
#
_cell.length_a   101.464
_cell.length_b   101.464
_cell.length_c   452.187
_cell.angle_alpha   90.00
_cell.angle_beta   90.00
_cell.angle_gamma   120.00
#
_symmetry.space_group_name_H-M   'H 3 2'
#
loop_
_entity.id
_entity.type
_entity.pdbx_description
1 polymer 'Hemagglutinin HA1'
2 polymer 'Hemagglutinin HA2'
3 branched 2-acetamido-2-deoxy-beta-D-glucopyranose-(1-4)-2-acetamido-2-deoxy-beta-D-glucopyranose
4 branched beta-D-mannopyranose-(1-3)-[alpha-D-mannopyranose-(1-6)]alpha-D-mannopyranose-(1-4)-2-acetamido-2-deoxy-beta-D-glucopyranose-(1-4)-2-acetamido-2-deoxy-beta-D-glucopyranose
5 branched 'N-acetyl-alpha-neuraminic acid-(2-6)-beta-D-galactopyranose'
6 branched beta-D-mannopyranose-(1-4)-2-acetamido-2-deoxy-beta-D-glucopyranose-(1-4)-2-acetamido-2-deoxy-beta-D-glucopyranose
7 non-polymer 2-acetamido-2-deoxy-beta-D-glucopyranose
8 non-polymer '3[N-MORPHOLINO]PROPANE SULFONIC ACID'
9 water water
#
loop_
_entity_poly.entity_id
_entity_poly.type
_entity_poly.pdbx_seq_one_letter_code
_entity_poly.pdbx_strand_id
1 'polypeptide(L)'
;DQICIGYHANNSTEQVDTIMEKNVTVTHAQDILEKTHNGKLCDLDGVKPLILRDCSVAGWLLGNPMCDEFINVPEWSYIV
EKANPVNDLCYPGDFNDYEELKHLLSRINHFEKIQIIPKSSWSSHEASLGVSSACPYQGKSSFFRNVVWLIKKNSTYPTI
KRSYNNTNQEDLLVLWGIHHPKDAAEQTKLYQNPTTYISVGTSTLNQRLVPRIATRSKVNGQSGRMEFFWTILKPNDAIN
FESNGNFIAPEYAYKIVKKGDSTIMKSELEYGNCNTKCQTPMGAINSSMPFHNIHPLTIGECPKYVKSNRLVLATGLRNS
PQRETR
;
A
2 'polypeptide(L)'
;GLFGAIAGFIEGGWQGMVDGWYGYHHSNEQGSGYAADKESTQKAIDGVTNKVNSIIDKMNTQFEAVGREFNNLERRIENL
NKKMEDGFLDVWTYNAELLVLMENERTLDFHDSNVKNLYDKVRLQLRDNAKELGNGCFEFYHKCDNECMESVRNGTYDYP
QYSEEA
;
B
#
loop_
_chem_comp.id
_chem_comp.type
_chem_comp.name
_chem_comp.formula
BMA D-saccharide, beta linking beta-D-mannopyranose 'C6 H12 O6'
GAL D-saccharide, beta linking beta-D-galactopyranose 'C6 H12 O6'
MAN D-saccharide, alpha linking alpha-D-mannopyranose 'C6 H12 O6'
MPO non-polymer '3[N-MORPHOLINO]PROPANE SULFONIC ACID' 'C7 H15 N O4 S'
NAG D-saccharide, beta linking 2-acetamido-2-deoxy-beta-D-glucopyranose 'C8 H15 N O6'
SIA D-saccharide, alpha linking 'N-acetyl-alpha-neuraminic acid' 'C11 H19 N O9'
#
# COMPACT_ATOMS: atom_id res chain seq x y z
N ASP A 1 -10.07 -3.57 -62.85
CA ASP A 1 -9.24 -4.21 -61.79
C ASP A 1 -8.62 -3.16 -60.89
N GLN A 2 -8.67 -3.38 -59.59
CA GLN A 2 -8.06 -2.47 -58.64
C GLN A 2 -7.50 -3.12 -57.39
N ILE A 3 -6.57 -2.39 -56.78
CA ILE A 3 -6.01 -2.75 -55.49
C ILE A 3 -6.16 -1.56 -54.57
N CYS A 4 -6.54 -1.83 -53.33
CA CYS A 4 -6.87 -0.79 -52.37
C CYS A 4 -6.02 -0.98 -51.13
N ILE A 5 -5.72 0.11 -50.45
CA ILE A 5 -5.05 0.06 -49.17
C ILE A 5 -6.06 0.38 -48.09
N GLY A 6 -6.04 -0.38 -47.00
CA GLY A 6 -6.97 -0.17 -45.90
C GLY A 6 -6.48 -0.67 -44.57
N TYR A 7 -7.37 -0.63 -43.58
CA TYR A 7 -7.00 -0.97 -42.23
C TYR A 7 -8.12 -1.72 -41.53
N HIS A 8 -7.76 -2.31 -40.39
CA HIS A 8 -8.62 -3.22 -39.65
C HIS A 8 -9.77 -2.52 -38.95
N ALA A 9 -10.93 -3.17 -38.95
CA ALA A 9 -12.05 -2.77 -38.10
C ALA A 9 -12.61 -4.02 -37.44
N ASN A 10 -13.33 -3.86 -36.35
CA ASN A 10 -13.94 -4.98 -35.67
C ASN A 10 -15.16 -4.52 -34.85
N ASN A 11 -15.70 -5.41 -34.01
CA ASN A 11 -16.92 -5.09 -33.26
C ASN A 11 -16.66 -4.44 -31.89
N SER A 12 -15.43 -3.98 -31.67
CA SER A 12 -15.02 -3.42 -30.37
C SER A 12 -15.76 -2.11 -30.04
N THR A 13 -16.14 -1.97 -28.77
CA THR A 13 -16.73 -0.76 -28.23
C THR A 13 -15.84 -0.12 -27.15
N GLU A 14 -14.66 -0.68 -26.93
CA GLU A 14 -13.67 -0.09 -26.03
C GLU A 14 -13.37 1.36 -26.45
N GLN A 15 -13.27 2.25 -25.48
CA GLN A 15 -13.03 3.67 -25.75
C GLN A 15 -11.81 4.16 -24.97
N VAL A 16 -11.11 5.14 -25.54
CA VAL A 16 -9.98 5.76 -24.86
C VAL A 16 -10.12 7.26 -24.97
N ASP A 17 -9.47 8.00 -24.07
CA ASP A 17 -9.43 9.45 -24.14
C ASP A 17 -8.09 9.96 -24.69
N THR A 18 -8.15 11.10 -25.36
CA THR A 18 -6.97 11.86 -25.81
C THR A 18 -7.12 13.31 -25.35
N ILE A 19 -6.10 14.13 -25.57
CA ILE A 19 -6.15 15.55 -25.22
C ILE A 19 -7.27 16.28 -25.96
N MET A 20 -7.40 15.98 -27.26
CA MET A 20 -8.33 16.69 -28.14
C MET A 20 -9.70 16.04 -28.28
N GLU A 21 -9.84 14.80 -27.83
CA GLU A 21 -11.08 14.06 -28.05
C GLU A 21 -11.28 13.00 -26.99
N LYS A 22 -12.50 12.89 -26.49
CA LYS A 22 -12.81 11.93 -25.45
C LYS A 22 -13.68 10.85 -26.04
N ASN A 23 -13.60 9.65 -25.48
CA ASN A 23 -14.47 8.54 -25.89
C ASN A 23 -14.32 8.16 -27.36
N VAL A 24 -13.06 7.97 -27.78
CA VAL A 24 -12.76 7.48 -29.12
C VAL A 24 -12.83 5.97 -29.10
N THR A 25 -13.67 5.38 -29.96
CA THR A 25 -13.78 3.93 -30.01
C THR A 25 -12.58 3.37 -30.77
N VAL A 26 -11.92 2.39 -30.16
CA VAL A 26 -10.74 1.78 -30.78
C VAL A 26 -10.92 0.27 -30.92
N THR A 27 -10.15 -0.31 -31.83
CA THR A 27 -10.23 -1.74 -32.12
C THR A 27 -9.68 -2.58 -30.98
N HIS A 28 -8.64 -2.07 -30.32
CA HIS A 28 -8.01 -2.74 -29.18
C HIS A 28 -7.51 -1.73 -28.15
N ALA A 29 -7.59 -2.12 -26.88
CA ALA A 29 -7.18 -1.29 -25.77
C ALA A 29 -6.64 -2.15 -24.64
N GLN A 30 -5.94 -1.52 -23.71
CA GLN A 30 -5.38 -2.21 -22.55
C GLN A 30 -5.63 -1.38 -21.28
N ASP A 31 -6.48 -1.90 -20.41
CA ASP A 31 -6.74 -1.32 -19.09
C ASP A 31 -5.51 -1.57 -18.22
N ILE A 32 -5.04 -0.53 -17.53
CA ILE A 32 -3.85 -0.67 -16.67
C ILE A 32 -4.09 -0.31 -15.20
N LEU A 33 -5.36 -0.13 -14.81
CA LEU A 33 -5.74 0.24 -13.45
C LEU A 33 -6.58 -0.84 -12.79
N GLU A 34 -6.10 -1.38 -11.67
CA GLU A 34 -6.85 -2.35 -10.89
C GLU A 34 -7.89 -1.62 -10.02
N LYS A 35 -9.15 -2.01 -10.19
CA LYS A 35 -10.26 -1.35 -9.51
C LYS A 35 -10.91 -2.21 -8.43
N THR A 36 -10.61 -3.50 -8.40
CA THR A 36 -11.26 -4.43 -7.48
C THR A 36 -10.34 -4.93 -6.38
N HIS A 37 -10.96 -5.32 -5.26
CA HIS A 37 -10.29 -5.97 -4.14
C HIS A 37 -11.24 -7.02 -3.54
N ASN A 38 -10.76 -7.87 -2.66
CA ASN A 38 -11.60 -8.96 -2.11
C ASN A 38 -12.32 -8.60 -0.80
N GLY A 39 -11.94 -7.48 -0.19
CA GLY A 39 -12.67 -6.92 0.95
C GLY A 39 -12.33 -7.56 2.28
N LYS A 40 -11.17 -8.20 2.34
CA LYS A 40 -10.77 -9.02 3.47
C LYS A 40 -9.35 -8.73 3.93
N LEU A 41 -9.08 -9.01 5.20
CA LEU A 41 -7.72 -9.00 5.72
C LEU A 41 -7.17 -10.41 5.59
N CYS A 42 -5.97 -10.53 5.01
CA CYS A 42 -5.44 -11.83 4.61
C CYS A 42 -4.01 -12.04 5.08
N ASP A 43 -3.59 -13.29 5.07
CA ASP A 43 -2.19 -13.64 5.26
C ASP A 43 -1.40 -12.97 4.13
N LEU A 44 -0.26 -12.40 4.49
CA LEU A 44 0.66 -11.85 3.51
C LEU A 44 1.75 -12.88 3.25
N ASP A 45 1.79 -13.42 2.02
CA ASP A 45 2.75 -14.48 1.68
C ASP A 45 2.71 -15.64 2.68
N GLY A 46 1.49 -16.02 3.10
CA GLY A 46 1.30 -17.11 4.05
C GLY A 46 1.43 -16.71 5.51
N VAL A 47 2.11 -15.60 5.79
CA VAL A 47 2.38 -15.15 7.16
C VAL A 47 1.24 -14.28 7.69
N LYS A 48 0.46 -14.84 8.61
CA LYS A 48 -0.73 -14.18 9.17
C LYS A 48 -0.40 -12.85 9.88
N PRO A 49 -1.30 -11.85 9.76
CA PRO A 49 -1.10 -10.62 10.54
C PRO A 49 -1.50 -10.78 12.00
N LEU A 50 -1.05 -9.84 12.83
CA LEU A 50 -1.51 -9.72 14.20
C LEU A 50 -2.75 -8.85 14.19
N ILE A 51 -3.91 -9.45 14.44
CA ILE A 51 -5.17 -8.70 14.48
C ILE A 51 -5.58 -8.46 15.93
N LEU A 52 -5.36 -7.23 16.39
CA LEU A 52 -5.55 -6.88 17.80
C LEU A 52 -7.02 -6.86 18.22
N ARG A 53 -7.92 -6.86 17.25
CA ARG A 53 -9.36 -6.89 17.52
C ARG A 53 -9.76 -5.66 18.36
N ASP A 54 -10.33 -5.87 19.55
CA ASP A 54 -10.73 -4.76 20.42
C ASP A 54 -9.59 -4.20 21.28
N CYS A 55 -8.40 -4.78 21.20
CA CYS A 55 -7.24 -4.29 21.97
C CYS A 55 -6.42 -3.27 21.16
N SER A 56 -5.76 -2.36 21.88
CA SER A 56 -4.83 -1.42 21.30
C SER A 56 -3.41 -1.96 21.46
N VAL A 57 -2.43 -1.24 20.90
CA VAL A 57 -1.03 -1.63 21.04
C VAL A 57 -0.61 -1.52 22.51
N ALA A 58 -1.15 -0.54 23.22
CA ALA A 58 -0.89 -0.36 24.65
C ALA A 58 -1.49 -1.49 25.49
N GLY A 59 -2.79 -1.73 25.31
CA GLY A 59 -3.48 -2.83 25.98
C GLY A 59 -2.73 -4.14 25.76
N TRP A 60 -2.32 -4.38 24.52
CA TRP A 60 -1.54 -5.57 24.18
C TRP A 60 -0.22 -5.61 24.96
N LEU A 61 0.61 -4.59 24.78
CA LEU A 61 1.97 -4.62 25.29
C LEU A 61 2.06 -4.57 26.82
N LEU A 62 1.28 -3.68 27.43
CA LEU A 62 1.19 -3.61 28.90
C LEU A 62 0.55 -4.85 29.52
N GLY A 63 -0.27 -5.57 28.74
CA GLY A 63 -0.93 -6.79 29.22
C GLY A 63 -2.25 -6.53 29.91
N ASN A 64 -3.11 -5.72 29.28
CA ASN A 64 -4.47 -5.51 29.74
C ASN A 64 -5.15 -6.86 29.90
N PRO A 65 -5.74 -7.14 31.08
CA PRO A 65 -6.38 -8.44 31.37
C PRO A 65 -7.36 -8.92 30.30
N MET A 66 -8.05 -7.99 29.65
CA MET A 66 -8.97 -8.31 28.54
C MET A 66 -8.25 -8.68 27.23
N CYS A 67 -6.91 -8.61 27.22
CA CYS A 67 -6.11 -8.85 26.01
C CYS A 67 -5.21 -10.08 26.16
N ASP A 68 -5.72 -11.10 26.86
CA ASP A 68 -4.98 -12.33 27.08
C ASP A 68 -4.81 -13.13 25.78
N GLU A 69 -5.70 -12.94 24.82
CA GLU A 69 -5.56 -13.56 23.50
C GLU A 69 -4.16 -13.32 22.94
N PHE A 70 -3.58 -12.17 23.28
CA PHE A 70 -2.27 -11.76 22.78
C PHE A 70 -1.18 -11.87 23.85
N ILE A 71 -1.33 -12.85 24.75
CA ILE A 71 -0.34 -13.10 25.80
C ILE A 71 1.03 -13.49 25.22
N ASN A 72 1.03 -14.32 24.16
CA ASN A 72 2.27 -14.69 23.46
C ASN A 72 2.01 -14.92 21.97
N VAL A 73 2.02 -13.82 21.22
CA VAL A 73 1.69 -13.86 19.80
C VAL A 73 2.88 -14.30 18.94
N PRO A 74 2.62 -15.13 17.91
CA PRO A 74 3.70 -15.53 17.02
C PRO A 74 4.08 -14.41 16.05
N GLU A 75 5.08 -14.68 15.22
CA GLU A 75 5.54 -13.76 14.19
C GLU A 75 4.36 -13.25 13.34
N TRP A 76 4.36 -11.97 13.01
CA TRP A 76 3.32 -11.40 12.16
C TRP A 76 3.93 -10.74 10.92
N SER A 77 3.08 -10.56 9.91
CA SER A 77 3.46 -9.88 8.68
C SER A 77 3.17 -8.39 8.80
N TYR A 78 1.97 -8.08 9.27
CA TYR A 78 1.58 -6.70 9.58
C TYR A 78 0.63 -6.72 10.76
N ILE A 79 0.30 -5.54 11.29
CA ILE A 79 -0.55 -5.44 12.47
C ILE A 79 -1.81 -4.68 12.11
N VAL A 80 -2.95 -5.13 12.66
CA VAL A 80 -4.23 -4.47 12.42
C VAL A 80 -4.85 -4.00 13.73
N GLU A 81 -5.19 -2.71 13.78
CA GLU A 81 -5.74 -2.09 14.96
C GLU A 81 -6.94 -1.24 14.57
N LYS A 82 -8.01 -1.32 15.35
CA LYS A 82 -9.17 -0.47 15.10
C LYS A 82 -8.87 1.01 15.34
N ALA A 83 -9.79 1.86 14.90
CA ALA A 83 -9.67 3.31 15.08
C ALA A 83 -9.84 3.69 16.56
N ASN A 84 -10.81 3.08 17.22
CA ASN A 84 -11.04 3.33 18.64
C ASN A 84 -11.19 2.02 19.42
N PRO A 85 -10.07 1.29 19.61
CA PRO A 85 -10.17 0.04 20.36
C PRO A 85 -10.64 0.30 21.78
N VAL A 86 -11.59 -0.50 22.27
CA VAL A 86 -12.17 -0.25 23.59
C VAL A 86 -11.25 -0.68 24.74
N ASN A 87 -10.48 -1.75 24.52
CA ASN A 87 -9.55 -2.26 25.52
C ASN A 87 -8.17 -1.63 25.35
N ASP A 88 -8.05 -0.40 25.84
CA ASP A 88 -6.79 0.34 25.79
C ASP A 88 -6.21 0.30 27.22
N LEU A 89 -5.99 1.46 27.83
CA LEU A 89 -5.52 1.53 29.21
C LEU A 89 -6.74 1.38 30.13
N CYS A 90 -6.88 0.20 30.74
CA CYS A 90 -8.02 -0.09 31.60
C CYS A 90 -8.06 0.86 32.80
N TYR A 91 -6.93 0.98 33.49
CA TYR A 91 -6.72 2.04 34.48
C TYR A 91 -6.30 3.29 33.71
N PRO A 92 -7.04 4.40 33.87
CA PRO A 92 -6.75 5.58 33.05
C PRO A 92 -5.36 6.16 33.27
N GLY A 93 -4.84 6.83 32.24
CA GLY A 93 -3.52 7.47 32.32
C GLY A 93 -2.97 7.90 30.98
N ASP A 94 -1.64 7.82 30.85
CA ASP A 94 -0.95 8.13 29.61
C ASP A 94 0.09 7.06 29.32
N PHE A 95 0.46 6.97 28.04
CA PHE A 95 1.56 6.15 27.60
C PHE A 95 2.58 7.11 26.99
N ASN A 96 3.72 7.25 27.64
CA ASN A 96 4.73 8.21 27.21
C ASN A 96 5.42 7.78 25.90
N ASP A 97 5.59 8.75 24.99
CA ASP A 97 6.15 8.52 23.66
C ASP A 97 5.51 7.33 22.95
N TYR A 98 4.17 7.27 23.02
CA TYR A 98 3.41 6.15 22.48
C TYR A 98 3.59 6.04 20.97
N GLU A 99 3.54 7.17 20.29
CA GLU A 99 3.63 7.19 18.83
C GLU A 99 5.01 6.78 18.34
N GLU A 100 6.05 7.23 19.03
CA GLU A 100 7.42 6.85 18.69
C GLU A 100 7.64 5.35 18.87
N LEU A 101 6.90 4.73 19.78
CA LEU A 101 6.99 3.29 19.99
C LEU A 101 6.25 2.55 18.89
N LYS A 102 5.03 3.01 18.58
CA LYS A 102 4.27 2.43 17.48
C LYS A 102 5.07 2.49 16.18
N HIS A 103 5.80 3.57 15.98
CA HIS A 103 6.67 3.68 14.81
C HIS A 103 7.78 2.63 14.84
N LEU A 104 8.31 2.40 16.03
CA LEU A 104 9.37 1.40 16.23
C LEU A 104 8.87 0.00 15.83
N LEU A 105 7.60 -0.26 16.09
CA LEU A 105 6.94 -1.55 15.79
C LEU A 105 6.82 -1.86 14.31
N SER A 106 6.80 -0.81 13.49
CA SER A 106 6.68 -0.99 12.05
CA SER A 106 6.67 -0.99 12.05
C SER A 106 7.94 -1.59 11.47
N ARG A 107 9.01 -1.64 12.27
CA ARG A 107 10.26 -2.29 11.90
C ARG A 107 10.44 -3.61 12.68
N ILE A 108 9.34 -4.16 13.21
CA ILE A 108 9.38 -5.38 14.03
C ILE A 108 8.31 -6.39 13.60
N ASN A 109 8.72 -7.65 13.43
CA ASN A 109 7.80 -8.73 13.07
C ASN A 109 7.54 -9.74 14.20
N HIS A 110 8.40 -9.77 15.21
CA HIS A 110 8.26 -10.77 16.28
C HIS A 110 8.86 -10.35 17.62
N PHE A 111 8.07 -10.52 18.68
CA PHE A 111 8.49 -10.31 20.04
C PHE A 111 8.56 -11.64 20.77
N GLU A 112 9.49 -11.76 21.71
CA GLU A 112 9.56 -12.92 22.61
C GLU A 112 9.49 -12.42 24.05
N LYS A 113 8.37 -12.68 24.72
CA LYS A 113 8.19 -12.21 26.09
C LYS A 113 9.03 -13.04 27.06
N ILE A 114 9.78 -12.36 27.94
CA ILE A 114 10.52 -13.04 29.01
C ILE A 114 10.41 -12.31 30.34
N GLN A 115 10.59 -13.06 31.42
CA GLN A 115 10.51 -12.53 32.77
C GLN A 115 11.88 -11.99 33.20
N ILE A 116 11.92 -10.72 33.59
CA ILE A 116 13.18 -10.10 34.04
C ILE A 116 13.22 -9.84 35.54
N ILE A 117 12.06 -9.52 36.14
CA ILE A 117 11.94 -9.38 37.59
C ILE A 117 10.73 -10.18 38.10
N PRO A 118 10.98 -11.38 38.68
CA PRO A 118 9.89 -12.24 39.14
C PRO A 118 8.98 -11.56 40.16
N LYS A 119 7.71 -11.95 40.14
CA LYS A 119 6.72 -11.40 41.05
C LYS A 119 6.98 -11.86 42.49
N SER A 120 7.46 -13.09 42.63
CA SER A 120 7.77 -13.67 43.94
C SER A 120 8.95 -13.01 44.64
N SER A 121 9.87 -12.41 43.87
CA SER A 121 11.11 -11.89 44.42
C SER A 121 10.98 -10.56 45.20
N TRP A 122 9.77 -10.03 45.32
CA TRP A 122 9.53 -8.80 46.08
C TRP A 122 9.23 -9.12 47.55
N SER A 123 10.28 -9.49 48.29
CA SER A 123 10.14 -10.01 49.64
C SER A 123 9.90 -8.95 50.73
N SER A 124 10.12 -7.67 50.40
CA SER A 124 9.92 -6.57 51.35
C SER A 124 8.69 -5.71 51.03
N HIS A 125 7.99 -6.04 49.94
CA HIS A 125 6.84 -5.27 49.49
C HIS A 125 5.69 -6.20 49.11
N GLU A 126 4.47 -5.67 49.14
CA GLU A 126 3.29 -6.44 48.78
C GLU A 126 3.01 -6.34 47.28
N ALA A 127 3.23 -7.45 46.58
CA ALA A 127 3.18 -7.47 45.11
C ALA A 127 1.90 -8.09 44.54
N SER A 128 1.06 -8.65 45.42
CA SER A 128 -0.14 -9.39 44.97
C SER A 128 -1.44 -8.69 45.29
N LEU A 129 -1.36 -7.43 45.73
CA LEU A 129 -2.54 -6.62 46.00
C LEU A 129 -2.61 -5.40 45.10
N GLY A 130 -1.86 -5.44 44.00
CA GLY A 130 -1.82 -4.33 43.04
C GLY A 130 -2.88 -4.42 41.95
N VAL A 131 -4.14 -4.34 42.35
CA VAL A 131 -5.29 -4.53 41.46
C VAL A 131 -6.30 -3.37 41.52
N SER A 132 -7.27 -3.40 40.61
CA SER A 132 -8.31 -2.36 40.54
C SER A 132 -9.57 -2.85 39.84
N SER A 133 -10.71 -2.26 40.23
CA SER A 133 -11.99 -2.50 39.57
C SER A 133 -12.02 -1.97 38.13
N ALA A 134 -11.11 -1.03 37.82
CA ALA A 134 -10.96 -0.51 36.46
C ALA A 134 -10.40 -1.56 35.48
N CYS A 135 -9.68 -2.55 35.98
CA CYS A 135 -9.12 -3.63 35.16
C CYS A 135 -9.67 -5.00 35.60
N PRO A 136 -10.94 -5.29 35.26
CA PRO A 136 -11.59 -6.52 35.70
C PRO A 136 -11.22 -7.74 34.85
N TYR A 137 -11.18 -8.91 35.48
CA TYR A 137 -10.95 -10.18 34.80
C TYR A 137 -11.80 -11.27 35.43
N GLN A 138 -12.79 -11.76 34.69
CA GLN A 138 -13.73 -12.75 35.18
C GLN A 138 -14.42 -12.27 36.47
N GLY A 139 -14.88 -11.02 36.45
CA GLY A 139 -15.66 -10.45 37.54
C GLY A 139 -14.88 -9.92 38.73
N LYS A 140 -13.56 -10.11 38.72
CA LYS A 140 -12.70 -9.76 39.85
C LYS A 140 -11.71 -8.67 39.44
N SER A 141 -11.22 -7.92 40.43
CA SER A 141 -10.25 -6.86 40.18
C SER A 141 -8.86 -7.41 39.83
N SER A 142 -8.31 -6.93 38.71
CA SER A 142 -7.02 -7.41 38.21
C SER A 142 -6.16 -6.21 37.81
N PHE A 143 -5.15 -6.42 36.96
CA PHE A 143 -4.26 -5.34 36.53
C PHE A 143 -3.41 -5.76 35.34
N PHE A 144 -2.81 -4.76 34.67
CA PHE A 144 -1.87 -5.01 33.59
C PHE A 144 -0.92 -6.14 33.99
N ARG A 145 -0.96 -7.25 33.24
CA ARG A 145 -0.25 -8.46 33.61
C ARG A 145 1.28 -8.40 33.55
N ASN A 146 1.83 -7.44 32.81
CA ASN A 146 3.27 -7.41 32.57
C ASN A 146 4.02 -6.51 33.52
N VAL A 147 3.29 -5.74 34.33
CA VAL A 147 3.89 -4.88 35.32
C VAL A 147 3.26 -5.12 36.69
N VAL A 148 4.02 -4.84 37.74
CA VAL A 148 3.64 -5.18 39.10
C VAL A 148 3.40 -3.91 39.91
N TRP A 149 2.17 -3.69 40.34
CA TRP A 149 1.82 -2.54 41.17
C TRP A 149 2.18 -2.84 42.62
N LEU A 150 3.34 -2.35 43.06
CA LEU A 150 3.85 -2.64 44.40
C LEU A 150 3.29 -1.67 45.42
N ILE A 151 2.91 -2.18 46.60
CA ILE A 151 2.46 -1.37 47.74
C ILE A 151 3.17 -1.77 49.03
N LYS A 152 2.98 -0.98 50.08
CA LYS A 152 3.62 -1.20 51.39
C LYS A 152 3.29 -2.56 52.02
N LYS A 153 4.24 -3.09 52.79
CA LYS A 153 4.04 -4.34 53.53
C LYS A 153 4.22 -4.12 55.03
N ASN A 154 3.19 -4.46 55.80
CA ASN A 154 3.15 -4.24 57.26
C ASN A 154 3.45 -2.78 57.63
N SER A 155 2.87 -1.85 56.86
CA SER A 155 3.07 -0.41 57.05
C SER A 155 4.53 -0.01 56.87
N THR A 156 5.13 -0.38 55.74
CA THR A 156 6.50 0.04 55.41
C THR A 156 6.76 -0.13 53.93
N TYR A 157 7.25 0.94 53.29
CA TYR A 157 7.73 0.86 51.91
C TYR A 157 9.20 1.25 51.91
N PRO A 158 10.10 0.26 52.07
CA PRO A 158 11.52 0.57 52.04
C PRO A 158 11.99 0.86 50.62
N THR A 159 13.11 1.58 50.51
CA THR A 159 13.65 1.96 49.20
C THR A 159 13.96 0.73 48.37
N ILE A 160 13.43 0.70 47.15
CA ILE A 160 13.71 -0.38 46.19
C ILE A 160 14.97 -0.03 45.40
N LYS A 161 15.84 -1.03 45.21
CA LYS A 161 17.03 -0.87 44.37
C LYS A 161 17.24 -2.14 43.57
N ARG A 162 16.73 -2.16 42.34
CA ARG A 162 16.81 -3.33 41.49
C ARG A 162 17.55 -3.05 40.19
N SER A 163 18.30 -4.04 39.75
CA SER A 163 19.07 -3.94 38.52
C SER A 163 18.87 -5.18 37.67
N TYR A 164 18.64 -4.99 36.37
CA TYR A 164 18.62 -6.10 35.43
C TYR A 164 19.63 -5.85 34.31
N ASN A 165 20.39 -6.91 33.99
CA ASN A 165 21.44 -6.86 32.99
C ASN A 165 20.98 -7.64 31.77
N ASN A 166 20.95 -6.97 30.62
CA ASN A 166 20.54 -7.62 29.37
C ASN A 166 21.62 -8.56 28.86
N THR A 167 21.51 -9.83 29.25
CA THR A 167 22.44 -10.88 28.82
C THR A 167 21.99 -11.56 27.51
N ASN A 168 20.83 -11.17 27.01
CA ASN A 168 20.33 -11.69 25.74
C ASN A 168 21.07 -11.05 24.58
N GLN A 169 21.00 -11.70 23.42
CA GLN A 169 21.59 -11.16 22.20
C GLN A 169 20.73 -10.05 21.61
N GLU A 170 19.44 -10.10 21.90
CA GLU A 170 18.45 -9.23 21.29
C GLU A 170 18.26 -7.96 22.10
N ASP A 171 17.93 -6.87 21.42
CA ASP A 171 17.46 -5.64 22.06
C ASP A 171 16.23 -5.99 22.86
N LEU A 172 16.04 -5.33 24.00
CA LEU A 172 14.93 -5.64 24.89
C LEU A 172 14.05 -4.41 25.12
N LEU A 173 12.75 -4.56 24.88
CA LEU A 173 11.78 -3.52 25.20
C LEU A 173 11.36 -3.66 26.65
N VAL A 174 11.69 -2.67 27.47
CA VAL A 174 11.34 -2.66 28.90
C VAL A 174 10.25 -1.63 29.16
N LEU A 175 9.19 -2.03 29.88
CA LEU A 175 8.09 -1.15 30.25
C LEU A 175 7.98 -1.02 31.76
N TRP A 176 7.72 0.19 32.23
CA TRP A 176 7.44 0.42 33.64
C TRP A 176 6.44 1.58 33.79
N GLY A 177 6.12 1.96 35.03
CA GLY A 177 5.13 3.01 35.27
C GLY A 177 5.19 3.71 36.61
N ILE A 178 4.38 4.75 36.75
CA ILE A 178 4.28 5.54 37.96
C ILE A 178 2.79 5.75 38.26
N HIS A 179 2.40 5.58 39.53
CA HIS A 179 1.02 5.82 39.95
C HIS A 179 0.86 7.24 40.52
N HIS A 180 -0.09 7.99 39.97
CA HIS A 180 -0.44 9.31 40.45
C HIS A 180 -1.70 9.20 41.29
N PRO A 181 -1.57 9.36 42.61
CA PRO A 181 -2.73 9.16 43.49
C PRO A 181 -3.69 10.36 43.55
N LYS A 182 -4.87 10.11 44.08
CA LYS A 182 -5.94 11.10 44.20
C LYS A 182 -5.57 12.23 45.16
N ASP A 183 -5.18 11.87 46.39
CA ASP A 183 -4.86 12.86 47.44
C ASP A 183 -3.78 12.37 48.41
N ALA A 184 -3.34 13.25 49.30
CA ALA A 184 -2.28 12.96 50.28
C ALA A 184 -2.58 11.72 51.15
N ALA A 185 -3.85 11.51 51.46
CA ALA A 185 -4.27 10.37 52.28
C ALA A 185 -4.02 9.05 51.56
N GLU A 186 -4.41 8.99 50.29
CA GLU A 186 -4.20 7.79 49.47
C GLU A 186 -2.70 7.46 49.29
N GLN A 187 -1.86 8.49 49.19
CA GLN A 187 -0.42 8.31 49.06
C GLN A 187 0.16 7.53 50.24
N THR A 188 -0.12 8.01 51.45
CA THR A 188 0.34 7.34 52.67
C THR A 188 -0.39 6.01 52.89
N LYS A 189 -1.64 5.94 52.46
CA LYS A 189 -2.42 4.71 52.55
C LYS A 189 -1.78 3.56 51.75
N LEU A 190 -1.29 3.86 50.55
CA LEU A 190 -0.69 2.84 49.67
C LEU A 190 0.82 2.67 49.89
N TYR A 191 1.52 3.79 50.10
CA TYR A 191 2.99 3.78 50.10
C TYR A 191 3.67 4.35 51.36
N GLN A 192 2.88 4.84 52.32
CA GLN A 192 3.39 5.46 53.56
C GLN A 192 4.09 6.80 53.34
N ASN A 193 5.21 6.76 52.61
CA ASN A 193 6.06 7.92 52.41
C ASN A 193 5.32 9.01 51.65
N PRO A 194 5.29 10.25 52.19
CA PRO A 194 4.54 11.32 51.53
C PRO A 194 5.24 11.86 50.28
N THR A 195 6.57 11.87 50.28
CA THR A 195 7.34 12.35 49.14
C THR A 195 8.17 11.21 48.55
N THR A 196 7.81 10.79 47.34
CA THR A 196 8.43 9.64 46.70
C THR A 196 8.96 9.97 45.31
N TYR A 197 9.56 8.98 44.66
CA TYR A 197 10.16 9.15 43.35
C TYR A 197 10.45 7.80 42.72
N ILE A 198 10.77 7.82 41.43
CA ILE A 198 11.32 6.67 40.74
C ILE A 198 12.47 7.14 39.87
N SER A 199 13.66 6.61 40.12
CA SER A 199 14.83 6.96 39.30
C SER A 199 15.20 5.77 38.44
N VAL A 200 15.35 6.02 37.14
CA VAL A 200 15.66 4.96 36.18
C VAL A 200 16.90 5.35 35.39
N GLY A 201 17.86 4.42 35.31
CA GLY A 201 19.10 4.67 34.59
C GLY A 201 19.49 3.50 33.71
N THR A 202 20.14 3.82 32.59
CA THR A 202 20.79 2.84 31.74
C THR A 202 22.09 3.45 31.26
N SER A 203 22.66 2.88 30.21
CA SER A 203 23.84 3.46 29.55
C SER A 203 23.56 4.90 29.14
N THR A 204 22.41 5.13 28.51
CA THR A 204 22.03 6.45 28.04
C THR A 204 21.01 7.13 28.94
N LEU A 205 20.04 6.36 29.43
CA LEU A 205 18.89 6.92 30.15
C LEU A 205 19.27 7.49 31.53
N ASN A 206 18.67 8.64 31.86
CA ASN A 206 18.87 9.30 33.14
C ASN A 206 17.57 9.94 33.62
N GLN A 207 16.68 9.12 34.16
CA GLN A 207 15.32 9.54 34.50
C GLN A 207 15.10 9.64 36.00
N ARG A 208 14.24 10.57 36.41
CA ARG A 208 13.73 10.64 37.78
C ARG A 208 12.30 11.16 37.76
N LEU A 209 11.35 10.28 38.07
CA LEU A 209 9.94 10.64 38.06
C LEU A 209 9.47 10.96 39.48
N VAL A 210 8.55 11.91 39.60
CA VAL A 210 7.89 12.19 40.88
C VAL A 210 6.37 12.16 40.67
N PRO A 211 5.63 11.53 41.60
CA PRO A 211 4.17 11.48 41.44
C PRO A 211 3.53 12.86 41.63
N ARG A 212 2.70 13.25 40.66
CA ARG A 212 1.97 14.50 40.71
C ARG A 212 0.57 14.24 41.24
N ILE A 213 0.17 15.02 42.24
CA ILE A 213 -1.15 14.88 42.88
C ILE A 213 -2.07 16.02 42.42
N ALA A 214 -3.33 15.67 42.16
CA ALA A 214 -4.35 16.63 41.79
C ALA A 214 -5.73 15.99 41.84
N THR A 215 -6.75 16.82 42.00
CA THR A 215 -8.13 16.38 41.88
C THR A 215 -8.43 16.15 40.41
N ARG A 216 -8.89 14.96 40.08
CA ARG A 216 -9.12 14.58 38.69
C ARG A 216 -10.49 13.95 38.51
N SER A 217 -11.05 14.11 37.32
CA SER A 217 -12.33 13.49 36.97
C SER A 217 -12.18 11.97 36.95
N LYS A 218 -13.29 11.27 37.14
CA LYS A 218 -13.26 9.81 37.25
C LYS A 218 -13.42 9.13 35.89
N VAL A 219 -12.33 8.58 35.37
CA VAL A 219 -12.35 7.75 34.18
C VAL A 219 -12.30 6.30 34.64
N ASN A 220 -13.22 5.48 34.15
CA ASN A 220 -13.40 4.11 34.65
C ASN A 220 -13.50 4.06 36.18
N GLY A 221 -14.12 5.08 36.76
CA GLY A 221 -14.26 5.18 38.21
C GLY A 221 -12.97 5.38 38.99
N GLN A 222 -11.96 5.96 38.36
CA GLN A 222 -10.68 6.22 39.03
C GLN A 222 -10.30 7.70 38.93
N SER A 223 -9.89 8.27 40.06
CA SER A 223 -9.33 9.63 40.12
C SER A 223 -7.82 9.60 40.08
N GLY A 224 -7.23 8.44 40.35
CA GLY A 224 -5.79 8.24 40.19
C GLY A 224 -5.45 8.01 38.74
N ARG A 225 -4.16 8.15 38.41
CA ARG A 225 -3.67 7.95 37.04
C ARG A 225 -2.40 7.10 37.01
N MET A 226 -2.19 6.42 35.89
CA MET A 226 -0.97 5.67 35.65
C MET A 226 -0.28 6.24 34.42
N GLU A 227 0.96 6.70 34.57
CA GLU A 227 1.77 7.17 33.45
C GLU A 227 2.82 6.11 33.14
N PHE A 228 2.84 5.62 31.90
CA PHE A 228 3.72 4.51 31.54
C PHE A 228 4.87 4.97 30.65
N PHE A 229 6.04 4.38 30.88
CA PHE A 229 7.26 4.73 30.17
C PHE A 229 7.93 3.48 29.62
N TRP A 230 8.84 3.68 28.67
CA TRP A 230 9.55 2.57 28.06
C TRP A 230 10.96 2.95 27.65
N THR A 231 11.78 1.93 27.40
CA THR A 231 13.06 2.12 26.76
C THR A 231 13.52 0.83 26.07
N ILE A 232 14.49 0.96 25.18
CA ILE A 232 15.12 -0.19 24.53
C ILE A 232 16.46 -0.39 25.22
N LEU A 233 16.58 -1.50 25.93
CA LEU A 233 17.80 -1.84 26.63
C LEU A 233 18.66 -2.66 25.69
N LYS A 234 19.82 -2.12 25.31
CA LYS A 234 20.70 -2.80 24.37
C LYS A 234 21.45 -3.95 25.05
N PRO A 235 21.98 -4.91 24.26
CA PRO A 235 22.65 -6.06 24.88
C PRO A 235 23.86 -5.64 25.69
N ASN A 236 24.15 -6.39 26.76
CA ASN A 236 25.24 -6.07 27.69
C ASN A 236 25.06 -4.78 28.49
N ASP A 237 23.89 -4.16 28.38
CA ASP A 237 23.60 -2.96 29.17
C ASP A 237 22.66 -3.33 30.31
N ALA A 238 22.72 -2.56 31.38
CA ALA A 238 21.93 -2.81 32.57
C ALA A 238 20.97 -1.66 32.83
N ILE A 239 19.75 -1.98 33.26
CA ILE A 239 18.80 -0.96 33.71
C ILE A 239 18.71 -0.96 35.24
N ASN A 240 18.68 0.23 35.82
CA ASN A 240 18.72 0.41 37.28
C ASN A 240 17.53 1.20 37.79
N PHE A 241 16.81 0.62 38.74
CA PHE A 241 15.66 1.27 39.34
C PHE A 241 15.95 1.63 40.80
N GLU A 242 15.39 2.75 41.24
CA GLU A 242 15.36 3.11 42.66
C GLU A 242 14.06 3.88 42.93
N SER A 243 13.38 3.56 44.03
CA SER A 243 12.09 4.21 44.34
C SER A 243 11.62 4.14 45.79
N ASN A 244 10.90 5.18 46.21
CA ASN A 244 10.26 5.28 47.53
C ASN A 244 8.81 4.81 47.55
N GLY A 245 8.22 4.67 46.37
CA GLY A 245 6.81 4.33 46.22
C GLY A 245 6.28 4.77 44.88
N ASN A 246 5.03 4.38 44.60
CA ASN A 246 4.34 4.71 43.34
C ASN A 246 4.95 4.01 42.11
N PHE A 247 5.80 3.02 42.36
CA PHE A 247 6.52 2.32 41.30
C PHE A 247 5.68 1.19 40.74
N ILE A 248 5.53 1.16 39.42
CA ILE A 248 4.87 0.07 38.73
C ILE A 248 6.00 -0.70 38.06
N ALA A 249 6.45 -1.76 38.72
CA ALA A 249 7.68 -2.44 38.32
C ALA A 249 7.46 -3.38 37.15
N PRO A 250 8.47 -3.53 36.28
CA PRO A 250 8.36 -4.54 35.23
C PRO A 250 8.39 -5.95 35.80
N GLU A 251 7.58 -6.85 35.22
CA GLU A 251 7.75 -8.28 35.46
C GLU A 251 8.24 -8.95 34.17
N TYR A 252 7.49 -8.74 33.08
CA TYR A 252 7.83 -9.27 31.77
C TYR A 252 8.25 -8.17 30.81
N ALA A 253 9.28 -8.45 30.01
CA ALA A 253 9.71 -7.56 28.93
C ALA A 253 9.81 -8.37 27.64
N TYR A 254 9.83 -7.69 26.50
CA TYR A 254 9.80 -8.33 25.19
C TYR A 254 11.16 -8.29 24.50
N LYS A 255 11.68 -9.45 24.11
CA LYS A 255 12.87 -9.51 23.27
C LYS A 255 12.47 -9.20 21.83
N ILE A 256 13.34 -8.47 21.14
CA ILE A 256 13.15 -8.16 19.72
C ILE A 256 13.99 -9.14 18.90
N VAL A 257 13.35 -10.22 18.45
CA VAL A 257 14.07 -11.31 17.77
C VAL A 257 14.15 -11.11 16.25
N LYS A 258 13.07 -10.60 15.67
CA LYS A 258 13.00 -10.41 14.22
C LYS A 258 12.67 -8.96 13.88
N LYS A 259 13.58 -8.30 13.17
CA LYS A 259 13.35 -6.96 12.63
C LYS A 259 13.18 -7.04 11.13
N GLY A 260 12.14 -6.38 10.62
CA GLY A 260 11.88 -6.37 9.18
C GLY A 260 10.74 -5.46 8.79
N ASP A 261 10.21 -5.68 7.60
CA ASP A 261 9.16 -4.83 7.04
C ASP A 261 7.82 -5.17 7.66
N SER A 262 7.15 -4.15 8.17
CA SER A 262 5.84 -4.31 8.80
C SER A 262 5.13 -2.97 8.78
N THR A 263 3.90 -2.95 9.31
CA THR A 263 3.13 -1.72 9.38
C THR A 263 1.94 -1.93 10.30
N ILE A 264 1.47 -0.85 10.90
CA ILE A 264 0.24 -0.86 11.69
C ILE A 264 -0.86 -0.28 10.81
N MET A 265 -1.86 -1.12 10.53
CA MET A 265 -2.90 -0.80 9.58
C MET A 265 -4.18 -0.52 10.34
N LYS A 266 -4.81 0.61 10.06
CA LYS A 266 -6.05 0.99 10.76
C LYS A 266 -7.23 0.45 9.97
N SER A 267 -8.04 -0.38 10.62
CA SER A 267 -9.16 -1.05 9.94
C SER A 267 -10.12 -1.67 10.95
N GLU A 268 -11.40 -1.68 10.59
CA GLU A 268 -12.44 -2.28 11.43
C GLU A 268 -12.73 -3.72 11.00
N LEU A 269 -12.10 -4.17 9.93
CA LEU A 269 -12.33 -5.51 9.40
C LEU A 269 -11.65 -6.56 10.26
N GLU A 270 -12.15 -7.79 10.17
CA GLU A 270 -11.60 -8.94 10.87
C GLU A 270 -10.86 -9.85 9.88
N TYR A 271 -10.32 -10.96 10.38
CA TYR A 271 -9.55 -11.90 9.56
C TYR A 271 -10.41 -12.60 8.51
N GLY A 272 -9.89 -12.68 7.29
CA GLY A 272 -10.65 -13.22 6.16
C GLY A 272 -10.48 -14.71 5.88
N ASN A 273 -9.56 -15.37 6.60
CA ASN A 273 -9.18 -16.76 6.33
C ASN A 273 -8.73 -16.87 4.87
N CYS A 274 -7.56 -16.28 4.60
CA CYS A 274 -7.27 -15.77 3.27
C CYS A 274 -5.77 -15.59 3.04
N ASN A 275 -5.33 -15.61 1.78
CA ASN A 275 -3.92 -15.34 1.44
C ASN A 275 -3.76 -14.40 0.24
N THR A 276 -2.75 -13.53 0.28
CA THR A 276 -2.53 -12.53 -0.75
C THR A 276 -1.07 -12.09 -0.78
N LYS A 277 -0.66 -11.41 -1.85
CA LYS A 277 0.68 -10.82 -1.94
C LYS A 277 0.66 -9.30 -1.74
N CYS A 278 -0.52 -8.73 -1.63
CA CYS A 278 -0.66 -7.29 -1.50
C CYS A 278 -1.91 -6.96 -0.70
N GLN A 279 -1.75 -6.25 0.41
CA GLN A 279 -2.85 -5.98 1.32
C GLN A 279 -3.09 -4.50 1.52
N THR A 280 -4.37 -4.11 1.58
CA THR A 280 -4.79 -2.77 1.95
C THR A 280 -5.75 -2.85 3.14
N PRO A 281 -5.97 -1.72 3.84
CA PRO A 281 -6.94 -1.65 4.95
C PRO A 281 -8.38 -1.93 4.55
N MET A 282 -8.69 -1.86 3.26
CA MET A 282 -10.02 -2.16 2.73
C MET A 282 -10.15 -3.58 2.19
N GLY A 283 -9.03 -4.24 1.94
CA GLY A 283 -9.03 -5.58 1.37
C GLY A 283 -7.76 -5.82 0.57
N ALA A 284 -7.57 -7.07 0.13
CA ALA A 284 -6.34 -7.47 -0.55
C ALA A 284 -6.45 -7.37 -2.08
N ILE A 285 -5.31 -7.45 -2.76
CA ILE A 285 -5.22 -7.25 -4.21
C ILE A 285 -4.49 -8.41 -4.89
N ASN A 286 -5.12 -8.96 -5.93
CA ASN A 286 -4.52 -9.99 -6.76
C ASN A 286 -4.63 -9.53 -8.21
N SER A 287 -3.57 -8.88 -8.70
CA SER A 287 -3.63 -8.21 -9.99
C SER A 287 -2.25 -8.13 -10.62
N SER A 288 -2.20 -8.14 -11.94
CA SER A 288 -0.96 -7.92 -12.68
C SER A 288 -0.90 -6.50 -13.26
N MET A 289 -1.88 -5.66 -12.92
CA MET A 289 -1.93 -4.28 -13.39
C MET A 289 -0.83 -3.45 -12.75
N PRO A 290 -0.28 -2.47 -13.48
CA PRO A 290 0.73 -1.60 -12.89
C PRO A 290 0.18 -0.56 -11.92
N PHE A 291 -1.13 -0.29 -11.96
CA PHE A 291 -1.76 0.70 -11.09
C PHE A 291 -2.96 0.15 -10.38
N HIS A 292 -3.34 0.77 -9.27
CA HIS A 292 -4.62 0.52 -8.61
C HIS A 292 -5.13 1.79 -7.95
N ASN A 293 -6.41 1.78 -7.56
CA ASN A 293 -7.04 2.92 -6.89
C ASN A 293 -7.83 2.55 -5.62
N ILE A 294 -7.44 1.46 -4.98
CA ILE A 294 -8.11 0.95 -3.80
C ILE A 294 -7.85 1.81 -2.55
N HIS A 295 -6.57 1.97 -2.20
CA HIS A 295 -6.17 2.66 -0.97
C HIS A 295 -4.65 2.94 -1.02
N PRO A 296 -4.19 4.12 -0.53
CA PRO A 296 -2.75 4.44 -0.62
C PRO A 296 -1.82 3.63 0.30
N LEU A 297 -2.30 3.28 1.49
CA LEU A 297 -1.48 2.51 2.45
C LEU A 297 -1.54 1.01 2.17
N THR A 298 -0.52 0.47 1.52
CA THR A 298 -0.47 -0.95 1.21
C THR A 298 0.81 -1.57 1.74
N ILE A 299 0.87 -2.90 1.73
CA ILE A 299 2.06 -3.64 2.12
C ILE A 299 2.17 -4.86 1.23
N GLY A 300 3.41 -5.18 0.83
CA GLY A 300 3.66 -6.30 -0.08
C GLY A 300 4.08 -5.85 -1.47
N GLU A 301 3.98 -6.77 -2.43
CA GLU A 301 4.34 -6.48 -3.82
C GLU A 301 3.10 -5.94 -4.51
N CYS A 302 2.98 -4.62 -4.56
CA CYS A 302 1.73 -3.97 -4.99
C CYS A 302 1.88 -3.13 -6.26
N PRO A 303 0.74 -2.91 -6.95
CA PRO A 303 0.74 -1.87 -7.98
C PRO A 303 0.85 -0.48 -7.35
N LYS A 304 1.10 0.53 -8.18
CA LYS A 304 1.24 1.90 -7.68
C LYS A 304 -0.14 2.52 -7.54
N TYR A 305 -0.36 3.21 -6.44
CA TYR A 305 -1.65 3.79 -6.17
C TYR A 305 -1.81 5.11 -6.91
N VAL A 306 -2.96 5.29 -7.54
CA VAL A 306 -3.35 6.59 -8.12
C VAL A 306 -4.81 6.89 -7.76
N LYS A 307 -5.17 8.17 -7.80
CA LYS A 307 -6.55 8.60 -7.54
C LYS A 307 -7.50 8.50 -8.77
N SER A 308 -7.07 7.93 -9.88
CA SER A 308 -7.91 7.85 -11.08
C SER A 308 -9.10 6.91 -10.89
N ASN A 309 -10.18 7.20 -11.61
CA ASN A 309 -11.27 6.25 -11.79
C ASN A 309 -11.04 5.34 -13.00
N ARG A 310 -10.18 5.76 -13.92
CA ARG A 310 -10.03 5.09 -15.21
C ARG A 310 -8.66 5.38 -15.87
N LEU A 311 -7.91 4.33 -16.21
CA LEU A 311 -6.69 4.45 -17.02
C LEU A 311 -6.66 3.36 -18.09
N VAL A 312 -6.93 3.75 -19.33
CA VAL A 312 -6.98 2.82 -20.46
C VAL A 312 -6.17 3.32 -21.63
N LEU A 313 -5.15 2.54 -22.01
CA LEU A 313 -4.27 2.86 -23.15
C LEU A 313 -4.77 2.27 -24.45
N ALA A 314 -4.70 3.05 -25.51
CA ALA A 314 -4.97 2.55 -26.85
C ALA A 314 -3.80 1.69 -27.29
N THR A 315 -4.13 0.56 -27.90
CA THR A 315 -3.14 -0.27 -28.61
C THR A 315 -3.49 -0.33 -30.08
N GLY A 316 -4.76 -0.59 -30.38
CA GLY A 316 -5.23 -0.61 -31.76
C GLY A 316 -5.51 0.78 -32.27
N LEU A 317 -6.34 0.84 -33.30
CA LEU A 317 -6.59 2.08 -34.00
C LEU A 317 -8.08 2.45 -33.95
N ARG A 318 -8.39 3.64 -34.44
CA ARG A 318 -9.74 4.19 -34.41
C ARG A 318 -10.70 3.27 -35.15
N ASN A 319 -11.71 2.78 -34.44
CA ASN A 319 -12.65 1.81 -34.99
C ASN A 319 -13.79 2.49 -35.73
N SER A 320 -14.21 1.88 -36.83
CA SER A 320 -15.17 2.48 -37.74
C SER A 320 -16.61 2.09 -37.37
N PRO A 321 -17.55 3.04 -37.50
CA PRO A 321 -18.97 2.69 -37.44
C PRO A 321 -19.44 1.95 -38.69
N GLY B 1 -7.33 12.37 -38.42
CA GLY B 1 -5.95 12.21 -37.88
C GLY B 1 -4.92 13.08 -38.58
N LEU B 2 -3.79 13.25 -37.92
CA LEU B 2 -2.75 14.12 -38.45
C LEU B 2 -2.30 13.73 -39.86
N PHE B 3 -2.35 12.45 -40.18
CA PHE B 3 -1.78 11.97 -41.44
C PHE B 3 -2.78 11.80 -42.58
N GLY B 4 -4.06 11.99 -42.27
CA GLY B 4 -5.11 12.07 -43.28
C GLY B 4 -5.64 10.77 -43.85
N ALA B 5 -5.08 9.63 -43.47
CA ALA B 5 -5.52 8.36 -44.05
C ALA B 5 -6.73 7.79 -43.32
N ILE B 6 -6.53 7.38 -42.07
CA ILE B 6 -7.58 6.73 -41.28
C ILE B 6 -8.74 7.70 -41.05
N ALA B 7 -9.94 7.26 -41.42
CA ALA B 7 -11.12 8.11 -41.39
C ALA B 7 -10.83 9.46 -42.05
N GLY B 8 -10.08 9.42 -43.14
CA GLY B 8 -9.79 10.61 -43.96
C GLY B 8 -10.09 10.25 -45.40
N PHE B 9 -9.07 10.09 -46.24
CA PHE B 9 -9.29 9.71 -47.62
C PHE B 9 -9.65 8.22 -47.72
N ILE B 10 -9.30 7.44 -46.70
CA ILE B 10 -9.84 6.09 -46.53
C ILE B 10 -10.96 6.20 -45.51
N GLU B 11 -12.19 6.16 -45.99
CA GLU B 11 -13.37 6.50 -45.19
C GLU B 11 -13.54 5.65 -43.94
N GLY B 12 -13.29 4.35 -44.07
CA GLY B 12 -13.48 3.43 -42.96
C GLY B 12 -12.63 2.18 -43.05
N GLY B 13 -12.55 1.46 -41.93
CA GLY B 13 -11.81 0.22 -41.86
C GLY B 13 -12.56 -0.96 -42.47
N TRP B 14 -11.95 -2.13 -42.38
CA TRP B 14 -12.45 -3.36 -42.98
C TRP B 14 -12.67 -4.44 -41.93
N GLN B 15 -13.93 -4.79 -41.71
CA GLN B 15 -14.29 -5.97 -40.91
C GLN B 15 -13.66 -7.23 -41.49
N GLY B 16 -13.54 -7.28 -42.82
CA GLY B 16 -13.06 -8.46 -43.53
C GLY B 16 -11.56 -8.75 -43.49
N MET B 17 -10.75 -7.78 -43.04
CA MET B 17 -9.32 -8.02 -42.86
C MET B 17 -9.01 -8.36 -41.40
N VAL B 18 -8.85 -9.64 -41.15
CA VAL B 18 -8.82 -10.20 -39.81
C VAL B 18 -7.39 -10.46 -39.31
N ASP B 19 -6.46 -10.61 -40.23
CA ASP B 19 -5.13 -11.15 -39.92
C ASP B 19 -4.03 -10.09 -39.81
N GLY B 20 -4.40 -8.81 -39.76
CA GLY B 20 -3.42 -7.75 -39.61
C GLY B 20 -4.07 -6.41 -39.40
N TRP B 21 -3.25 -5.41 -39.10
CA TRP B 21 -3.77 -4.07 -38.82
C TRP B 21 -3.94 -3.25 -40.09
N TYR B 22 -3.03 -3.45 -41.04
CA TYR B 22 -3.08 -2.78 -42.32
C TYR B 22 -2.86 -3.78 -43.44
N GLY B 23 -3.37 -3.47 -44.63
CA GLY B 23 -3.20 -4.38 -45.75
C GLY B 23 -3.91 -3.96 -47.01
N TYR B 24 -4.14 -4.94 -47.87
CA TYR B 24 -4.59 -4.72 -49.24
C TYR B 24 -5.91 -5.42 -49.52
N HIS B 25 -6.72 -4.83 -50.39
CA HIS B 25 -7.87 -5.51 -50.95
C HIS B 25 -7.78 -5.45 -52.45
N HIS B 26 -7.85 -6.61 -53.10
CA HIS B 26 -7.71 -6.68 -54.55
C HIS B 26 -9.02 -7.11 -55.19
N SER B 27 -9.21 -6.75 -56.45
CA SER B 27 -10.45 -7.04 -57.15
C SER B 27 -10.20 -7.14 -58.67
N ASN B 28 -10.36 -8.34 -59.22
CA ASN B 28 -10.14 -8.59 -60.66
C ASN B 28 -11.11 -9.67 -61.16
N GLU B 29 -10.86 -10.22 -62.35
CA GLU B 29 -11.76 -11.22 -62.94
C GLU B 29 -11.73 -12.56 -62.22
N GLN B 30 -10.61 -12.88 -61.58
CA GLN B 30 -10.47 -14.14 -60.84
C GLN B 30 -11.18 -14.10 -59.48
N GLY B 31 -11.45 -12.90 -58.98
CA GLY B 31 -12.10 -12.73 -57.68
C GLY B 31 -11.54 -11.58 -56.89
N SER B 32 -11.77 -11.61 -55.58
CA SER B 32 -11.37 -10.50 -54.73
C SER B 32 -11.08 -10.97 -53.32
N GLY B 33 -10.37 -10.14 -52.56
CA GLY B 33 -10.08 -10.47 -51.18
C GLY B 33 -9.11 -9.59 -50.45
N TYR B 34 -8.90 -9.89 -49.18
CA TYR B 34 -8.05 -9.11 -48.29
C TYR B 34 -6.73 -9.81 -48.05
N ALA B 35 -5.66 -9.04 -47.91
CA ALA B 35 -4.37 -9.58 -47.52
C ALA B 35 -3.64 -8.57 -46.63
N ALA B 36 -3.27 -9.01 -45.42
CA ALA B 36 -2.55 -8.17 -44.48
C ALA B 36 -1.11 -7.95 -44.93
N ASP B 37 -0.61 -6.73 -44.76
CA ASP B 37 0.80 -6.43 -44.95
C ASP B 37 1.54 -6.79 -43.64
N LYS B 38 2.37 -7.82 -43.73
CA LYS B 38 3.06 -8.40 -42.56
C LYS B 38 4.04 -7.42 -41.93
N GLU B 39 4.88 -6.83 -42.76
CA GLU B 39 5.96 -5.96 -42.31
C GLU B 39 5.45 -4.77 -41.52
N SER B 40 4.56 -3.98 -42.12
CA SER B 40 4.06 -2.78 -41.46
C SER B 40 3.22 -3.12 -40.22
N THR B 41 2.50 -4.24 -40.27
CA THR B 41 1.73 -4.69 -39.11
C THR B 41 2.64 -5.04 -37.93
N GLN B 42 3.71 -5.79 -38.19
CA GLN B 42 4.62 -6.22 -37.12
C GLN B 42 5.41 -5.05 -36.56
N LYS B 43 5.76 -4.12 -37.43
CA LYS B 43 6.33 -2.84 -37.01
C LYS B 43 5.42 -2.16 -35.98
N ALA B 44 4.12 -2.10 -36.28
CA ALA B 44 3.17 -1.46 -35.40
C ALA B 44 3.05 -2.18 -34.06
N ILE B 45 3.03 -3.51 -34.10
CA ILE B 45 2.94 -4.28 -32.87
C ILE B 45 4.15 -4.07 -31.97
N ASP B 46 5.35 -4.01 -32.56
CA ASP B 46 6.56 -3.77 -31.80
C ASP B 46 6.58 -2.39 -31.15
N GLY B 47 6.14 -1.37 -31.87
CA GLY B 47 6.16 0.00 -31.34
C GLY B 47 5.21 0.19 -30.19
N VAL B 48 3.98 -0.27 -30.36
CA VAL B 48 2.95 -0.15 -29.34
C VAL B 48 3.30 -0.97 -28.11
N THR B 49 3.84 -2.17 -28.31
CA THR B 49 4.25 -3.01 -27.19
C THR B 49 5.38 -2.36 -26.39
N ASN B 50 6.39 -1.87 -27.09
CA ASN B 50 7.49 -1.16 -26.42
C ASN B 50 6.98 0.05 -25.65
N LYS B 51 5.99 0.75 -26.21
CA LYS B 51 5.40 1.92 -25.57
C LYS B 51 4.72 1.54 -24.25
N VAL B 52 3.89 0.52 -24.27
CA VAL B 52 3.19 0.11 -23.06
C VAL B 52 4.22 -0.22 -21.97
N ASN B 53 5.21 -1.04 -22.30
CA ASN B 53 6.25 -1.41 -21.34
C ASN B 53 7.06 -0.21 -20.87
N SER B 54 7.32 0.73 -21.78
CA SER B 54 7.99 1.97 -21.40
C SER B 54 7.15 2.74 -20.39
N ILE B 55 5.85 2.85 -20.64
CA ILE B 55 4.93 3.53 -19.73
C ILE B 55 4.89 2.83 -18.38
N ILE B 56 4.60 1.53 -18.37
CA ILE B 56 4.55 0.77 -17.14
C ILE B 56 5.85 0.97 -16.34
N ASP B 57 6.98 0.82 -17.02
CA ASP B 57 8.28 0.84 -16.36
C ASP B 57 8.65 2.20 -15.75
N LYS B 58 8.32 3.28 -16.45
CA LYS B 58 8.62 4.63 -15.95
C LYS B 58 7.86 4.97 -14.67
N MET B 59 6.68 4.37 -14.50
CA MET B 59 5.88 4.59 -13.30
C MET B 59 6.24 3.60 -12.18
N ASN B 60 7.28 2.78 -12.41
CA ASN B 60 7.75 1.79 -11.44
C ASN B 60 8.18 2.40 -10.11
N THR B 61 9.15 3.31 -10.15
CA THR B 61 9.55 4.04 -8.96
C THR B 61 8.59 5.20 -8.79
N GLN B 62 7.89 5.20 -7.66
CA GLN B 62 6.84 6.17 -7.39
C GLN B 62 6.52 6.15 -5.89
N PHE B 63 5.97 7.26 -5.41
CA PHE B 63 5.75 7.46 -3.97
C PHE B 63 4.88 6.39 -3.32
N GLU B 64 5.37 5.87 -2.19
CA GLU B 64 4.63 4.94 -1.36
C GLU B 64 4.38 5.57 0.00
N ALA B 65 3.12 5.66 0.38
CA ALA B 65 2.76 6.24 1.67
C ALA B 65 3.00 5.25 2.81
N VAL B 66 3.41 5.77 3.97
CA VAL B 66 3.62 4.96 5.17
C VAL B 66 2.76 5.53 6.30
N GLY B 67 2.34 4.66 7.22
CA GLY B 67 1.55 5.08 8.38
C GLY B 67 2.40 5.77 9.44
N ARG B 68 1.98 6.98 9.82
CA ARG B 68 2.58 7.70 10.94
C ARG B 68 1.48 8.29 11.79
N GLU B 69 1.61 8.17 13.11
CA GLU B 69 0.60 8.68 14.02
C GLU B 69 1.15 9.78 14.88
N PHE B 70 0.26 10.67 15.32
CA PHE B 70 0.64 11.86 16.08
C PHE B 70 -0.38 12.14 17.17
N ASN B 71 0.10 12.65 18.31
CA ASN B 71 -0.80 12.91 19.45
C ASN B 71 -1.58 14.20 19.25
N ASN B 72 -2.39 14.57 20.25
CA ASN B 72 -3.29 15.71 20.14
C ASN B 72 -2.59 17.08 20.07
N LEU B 73 -1.37 17.17 20.61
CA LEU B 73 -0.56 18.38 20.51
C LEU B 73 0.58 18.26 19.48
N GLU B 74 0.34 17.48 18.43
CA GLU B 74 1.26 17.41 17.28
C GLU B 74 0.46 17.59 15.99
N ARG B 75 -0.50 18.52 16.02
CA ARG B 75 -1.39 18.74 14.90
C ARG B 75 -0.65 19.35 13.71
N ARG B 76 0.33 20.21 13.97
CA ARG B 76 1.03 20.88 12.89
C ARG B 76 1.77 19.87 12.01
N ILE B 77 2.60 19.02 12.62
CA ILE B 77 3.33 18.00 11.87
C ILE B 77 2.42 16.90 11.30
N GLU B 78 1.32 16.60 11.98
CA GLU B 78 0.34 15.67 11.42
C GLU B 78 -0.19 16.24 10.10
N ASN B 79 -0.50 17.54 10.10
CA ASN B 79 -1.01 18.21 8.92
C ASN B 79 0.06 18.23 7.83
N LEU B 80 1.30 18.44 8.24
CA LEU B 80 2.42 18.46 7.32
C LEU B 80 2.51 17.10 6.65
N ASN B 81 2.46 16.05 7.45
CA ASN B 81 2.50 14.67 6.97
C ASN B 81 1.41 14.39 5.94
N LYS B 82 0.20 14.86 6.24
CA LYS B 82 -0.95 14.60 5.39
C LYS B 82 -0.81 15.35 4.08
N LYS B 83 -0.42 16.62 4.16
CA LYS B 83 -0.21 17.46 2.98
C LYS B 83 0.91 16.93 2.09
N MET B 84 1.94 16.38 2.73
CA MET B 84 3.04 15.74 2.03
C MET B 84 2.55 14.52 1.25
N GLU B 85 1.81 13.64 1.92
CA GLU B 85 1.39 12.39 1.28
C GLU B 85 0.38 12.62 0.15
N ASP B 86 -0.61 13.47 0.41
CA ASP B 86 -1.57 13.89 -0.63
C ASP B 86 -0.92 14.61 -1.79
N GLY B 87 0.06 15.45 -1.50
CA GLY B 87 0.78 16.19 -2.52
C GLY B 87 1.39 15.28 -3.57
N PHE B 88 2.07 14.23 -3.11
CA PHE B 88 2.71 13.28 -4.01
C PHE B 88 1.69 12.43 -4.78
N LEU B 89 0.59 12.05 -4.14
CA LEU B 89 -0.47 11.31 -4.83
C LEU B 89 -1.06 12.13 -5.99
N ASP B 90 -1.32 13.40 -5.74
CA ASP B 90 -1.86 14.28 -6.76
C ASP B 90 -0.89 14.41 -7.94
N VAL B 91 0.39 14.57 -7.63
CA VAL B 91 1.44 14.65 -8.64
C VAL B 91 1.53 13.38 -9.50
N TRP B 92 1.50 12.22 -8.87
CA TRP B 92 1.60 10.96 -9.61
C TRP B 92 0.32 10.60 -10.33
N THR B 93 -0.82 11.05 -9.81
CA THR B 93 -2.09 10.85 -10.47
C THR B 93 -2.12 11.69 -11.74
N TYR B 94 -1.63 12.93 -11.64
CA TYR B 94 -1.53 13.83 -12.79
C TYR B 94 -0.62 13.22 -13.83
N ASN B 95 0.58 12.81 -13.42
CA ASN B 95 1.54 12.21 -14.35
C ASN B 95 0.94 11.05 -15.13
N ALA B 96 0.29 10.14 -14.41
CA ALA B 96 -0.28 8.95 -15.04
C ALA B 96 -1.40 9.31 -16.02
N GLU B 97 -2.32 10.18 -15.61
CA GLU B 97 -3.44 10.54 -16.49
C GLU B 97 -2.99 11.30 -17.72
N LEU B 98 -2.02 12.19 -17.56
CA LEU B 98 -1.54 13.01 -18.65
C LEU B 98 -0.76 12.16 -19.63
N LEU B 99 0.01 11.22 -19.12
CA LEU B 99 0.81 10.36 -19.98
C LEU B 99 -0.11 9.50 -20.85
N VAL B 100 -1.16 8.96 -20.24
CA VAL B 100 -2.12 8.15 -20.98
C VAL B 100 -2.80 8.96 -22.08
N LEU B 101 -3.25 10.18 -21.76
CA LEU B 101 -3.88 11.03 -22.76
C LEU B 101 -2.91 11.37 -23.91
N MET B 102 -1.72 11.82 -23.56
CA MET B 102 -0.75 12.21 -24.57
C MET B 102 -0.33 11.05 -25.46
N GLU B 103 -0.09 9.88 -24.86
CA GLU B 103 0.39 8.75 -25.65
C GLU B 103 -0.72 8.05 -26.43
N ASN B 104 -1.95 8.09 -25.92
CA ASN B 104 -3.10 7.64 -26.70
C ASN B 104 -3.23 8.47 -27.99
N GLU B 105 -3.10 9.79 -27.90
CA GLU B 105 -3.13 10.60 -29.09
C GLU B 105 -2.03 10.16 -30.07
N ARG B 106 -0.84 9.92 -29.55
CA ARG B 106 0.27 9.53 -30.42
C ARG B 106 0.12 8.13 -31.00
N THR B 107 -0.56 7.24 -30.27
CA THR B 107 -0.79 5.89 -30.76
C THR B 107 -1.77 5.92 -31.95
N LEU B 108 -2.83 6.69 -31.84
CA LEU B 108 -3.79 6.79 -32.94
C LEU B 108 -3.14 7.41 -34.19
N ASP B 109 -2.41 8.51 -34.01
CA ASP B 109 -1.66 9.14 -35.09
C ASP B 109 -0.62 8.18 -35.73
N PHE B 110 0.01 7.34 -34.92
CA PHE B 110 1.04 6.39 -35.38
C PHE B 110 0.45 5.41 -36.39
N HIS B 111 -0.70 4.84 -36.05
CA HIS B 111 -1.46 3.98 -36.95
C HIS B 111 -1.84 4.70 -38.26
N ASP B 112 -2.30 5.93 -38.13
CA ASP B 112 -2.66 6.76 -39.27
C ASP B 112 -1.44 6.90 -40.19
N SER B 113 -0.30 7.21 -39.59
CA SER B 113 0.97 7.30 -40.31
C SER B 113 1.35 6.02 -41.03
N ASN B 114 1.22 4.89 -40.36
CA ASN B 114 1.57 3.61 -40.98
C ASN B 114 0.71 3.33 -42.21
N VAL B 115 -0.55 3.73 -42.16
CA VAL B 115 -1.47 3.52 -43.30
C VAL B 115 -1.09 4.44 -44.45
N LYS B 116 -0.84 5.70 -44.14
CA LYS B 116 -0.44 6.68 -45.13
C LYS B 116 0.83 6.25 -45.85
N ASN B 117 1.81 5.75 -45.10
CA ASN B 117 3.08 5.32 -45.69
C ASN B 117 2.92 4.07 -46.56
N LEU B 118 2.04 3.17 -46.15
CA LEU B 118 1.78 1.99 -46.96
C LEU B 118 1.10 2.39 -48.26
N TYR B 119 0.17 3.33 -48.16
CA TYR B 119 -0.49 3.84 -49.35
C TYR B 119 0.53 4.51 -50.29
N ASP B 120 1.41 5.34 -49.75
CA ASP B 120 2.41 6.01 -50.60
C ASP B 120 3.35 4.99 -51.24
N LYS B 121 3.80 4.01 -50.47
CA LYS B 121 4.64 2.92 -50.98
C LYS B 121 4.08 2.30 -52.26
N VAL B 122 2.78 2.03 -52.27
CA VAL B 122 2.11 1.46 -53.42
C VAL B 122 1.96 2.48 -54.55
N ARG B 123 1.58 3.69 -54.19
CA ARG B 123 1.48 4.76 -55.18
C ARG B 123 2.80 4.94 -55.94
N LEU B 124 3.90 4.98 -55.19
CA LEU B 124 5.25 5.15 -55.76
C LEU B 124 5.71 3.99 -56.68
N GLN B 125 5.10 2.81 -56.53
CA GLN B 125 5.40 1.69 -57.43
C GLN B 125 4.59 1.80 -58.71
N LEU B 126 3.28 2.00 -58.56
CA LEU B 126 2.37 2.03 -59.69
C LEU B 126 2.59 3.24 -60.59
N ARG B 127 2.87 4.40 -59.99
CA ARG B 127 3.12 5.62 -60.75
C ARG B 127 1.97 5.91 -61.74
N ASP B 128 2.23 5.90 -63.04
CA ASP B 128 1.18 6.25 -64.01
C ASP B 128 0.57 5.02 -64.73
N ASN B 129 0.84 3.83 -64.23
CA ASN B 129 0.18 2.61 -64.73
C ASN B 129 -1.19 2.33 -64.09
N ALA B 130 -1.68 3.25 -63.27
CA ALA B 130 -3.00 3.10 -62.61
C ALA B 130 -3.61 4.45 -62.27
N LYS B 131 -4.95 4.51 -62.18
CA LYS B 131 -5.64 5.73 -61.78
C LYS B 131 -5.80 5.80 -60.26
N GLU B 132 -5.29 6.87 -59.66
CA GLU B 132 -5.47 7.10 -58.24
C GLU B 132 -6.90 7.61 -58.01
N LEU B 133 -7.76 6.77 -57.46
CA LEU B 133 -9.19 7.08 -57.39
C LEU B 133 -9.57 8.12 -56.33
N GLY B 134 -8.75 8.25 -55.29
CA GLY B 134 -8.97 9.26 -54.24
C GLY B 134 -9.55 8.70 -52.95
N ASN B 135 -9.66 7.38 -52.84
CA ASN B 135 -10.33 6.74 -51.70
C ASN B 135 -9.52 5.58 -51.09
N GLY B 136 -8.22 5.52 -51.41
CA GLY B 136 -7.39 4.40 -51.01
C GLY B 136 -7.13 3.40 -52.12
N CYS B 137 -7.85 3.54 -53.24
CA CYS B 137 -7.82 2.55 -54.31
C CYS B 137 -7.12 3.04 -55.58
N PHE B 138 -6.57 2.07 -56.32
CA PHE B 138 -5.89 2.30 -57.56
C PHE B 138 -6.51 1.42 -58.63
N GLU B 139 -7.01 2.04 -59.70
CA GLU B 139 -7.60 1.30 -60.80
C GLU B 139 -6.55 1.13 -61.91
N PHE B 140 -6.25 -0.12 -62.23
CA PHE B 140 -5.22 -0.44 -63.23
C PHE B 140 -5.66 -0.16 -64.66
N TYR B 141 -4.71 0.24 -65.52
CA TYR B 141 -4.98 0.38 -66.96
C TYR B 141 -4.91 -0.97 -67.66
N HIS B 142 -3.99 -1.81 -67.21
CA HIS B 142 -3.87 -3.17 -67.72
C HIS B 142 -4.64 -4.13 -66.83
N LYS B 143 -4.86 -5.34 -67.31
CA LYS B 143 -5.38 -6.41 -66.45
C LYS B 143 -4.32 -6.76 -65.43
N CYS B 144 -4.73 -6.97 -64.19
CA CYS B 144 -3.83 -7.32 -63.13
C CYS B 144 -4.34 -8.59 -62.45
N ASP B 145 -3.82 -9.73 -62.88
CA ASP B 145 -4.20 -11.03 -62.31
C ASP B 145 -3.56 -11.21 -60.92
N ASN B 146 -3.78 -12.36 -60.29
CA ASN B 146 -3.33 -12.55 -58.91
C ASN B 146 -1.82 -12.46 -58.71
N GLU B 147 -1.04 -12.90 -59.69
CA GLU B 147 0.42 -12.74 -59.63
C GLU B 147 0.80 -11.26 -59.78
N CYS B 148 0.08 -10.56 -60.66
CA CYS B 148 0.25 -9.13 -60.81
C CYS B 148 -0.03 -8.43 -59.46
N MET B 149 -1.17 -8.75 -58.86
CA MET B 149 -1.53 -8.22 -57.54
C MET B 149 -0.45 -8.51 -56.50
N GLU B 150 0.02 -9.76 -56.46
CA GLU B 150 1.04 -10.16 -55.50
C GLU B 150 2.30 -9.33 -55.61
N SER B 151 2.70 -9.01 -56.85
CA SER B 151 3.91 -8.20 -57.08
C SER B 151 3.77 -6.78 -56.52
N VAL B 152 2.54 -6.29 -56.46
CA VAL B 152 2.27 -4.99 -55.83
C VAL B 152 2.50 -5.11 -54.34
N ARG B 153 1.94 -6.14 -53.72
CA ARG B 153 2.14 -6.39 -52.30
C ARG B 153 3.60 -6.72 -51.99
N ASN B 154 4.29 -7.34 -52.94
CA ASN B 154 5.73 -7.66 -52.84
C ASN B 154 6.61 -6.46 -52.63
N GLY B 155 6.37 -5.41 -53.41
CA GLY B 155 7.34 -4.36 -53.65
C GLY B 155 8.02 -4.55 -55.00
N THR B 156 7.59 -5.58 -55.73
CA THR B 156 8.25 -6.07 -56.93
C THR B 156 7.49 -5.72 -58.21
N TYR B 157 6.48 -4.87 -58.11
CA TYR B 157 5.65 -4.54 -59.27
C TYR B 157 6.50 -4.03 -60.41
N ASP B 158 6.62 -4.83 -61.47
CA ASP B 158 7.50 -4.51 -62.58
C ASP B 158 6.85 -3.47 -63.49
N TYR B 159 7.20 -2.21 -63.24
CA TYR B 159 6.57 -1.08 -63.92
C TYR B 159 6.82 -1.05 -65.43
N PRO B 160 8.08 -1.24 -65.88
CA PRO B 160 8.35 -1.30 -67.33
C PRO B 160 7.60 -2.41 -68.08
N GLN B 161 7.26 -3.49 -67.38
CA GLN B 161 6.49 -4.60 -67.97
C GLN B 161 5.11 -4.14 -68.44
N TYR B 162 4.54 -3.13 -67.77
CA TYR B 162 3.27 -2.54 -68.17
C TYR B 162 3.47 -1.05 -68.43
C1 NAG C . -17.74 9.68 -22.37
C2 NAG C . -18.58 10.86 -21.88
C3 NAG C . -18.91 10.72 -20.40
C4 NAG C . -19.42 9.32 -20.09
C5 NAG C . -18.39 8.31 -20.54
C6 NAG C . -18.72 6.88 -20.16
C7 NAG C . -18.05 12.89 -23.16
C8 NAG C . -17.25 14.16 -23.24
N2 NAG C . -17.87 12.11 -22.09
O3 NAG C . -19.86 11.70 -20.04
O4 NAG C . -19.67 9.17 -18.69
O5 NAG C . -18.29 8.44 -21.94
O6 NAG C . -19.96 6.51 -20.73
O7 NAG C . -18.84 12.63 -24.06
C1 NAG C . -21.08 9.21 -18.42
C2 NAG C . -21.35 8.64 -17.02
C3 NAG C . -22.83 8.78 -16.63
C4 NAG C . -23.43 10.13 -17.01
C5 NAG C . -23.00 10.60 -18.41
C6 NAG C . -23.41 12.04 -18.68
C7 NAG C . -19.82 6.82 -16.43
C8 NAG C . -19.58 5.33 -16.44
N2 NAG C . -20.98 7.24 -16.95
O3 NAG C . -22.95 8.58 -15.24
O4 NAG C . -24.84 10.02 -16.98
O5 NAG C . -21.59 10.52 -18.52
O6 NAG C . -22.46 12.93 -18.13
O7 NAG C . -18.97 7.58 -15.97
C1 NAG D . 26.26 -7.29 32.29
C2 NAG D . 27.40 -6.27 32.36
C3 NAG D . 28.49 -6.63 31.35
C4 NAG D . 28.97 -8.05 31.61
C5 NAG D . 27.80 -9.03 31.60
C6 NAG D . 28.27 -10.44 31.97
C7 NAG D . 27.02 -3.90 32.96
C8 NAG D . 26.45 -2.58 32.53
N2 NAG D . 26.89 -4.93 32.10
O3 NAG D . 29.57 -5.72 31.44
O4 NAG D . 29.89 -8.37 30.59
O5 NAG D . 26.80 -8.59 32.51
O6 NAG D . 27.36 -11.13 32.82
O7 NAG D . 27.56 -4.00 34.06
C1 NAG D . 31.18 -8.77 31.10
C2 NAG D . 32.11 -8.98 29.92
C3 NAG D . 33.51 -9.40 30.35
C4 NAG D . 34.03 -8.69 31.62
C5 NAG D . 32.93 -8.32 32.60
C6 NAG D . 33.41 -7.26 33.61
C7 NAG D . 30.76 -9.66 27.98
C8 NAG D . 30.29 -10.80 27.13
N2 NAG D . 31.56 -9.97 29.00
O3 NAG D . 34.37 -9.15 29.27
O4 NAG D . 34.98 -9.52 32.32
O5 NAG D . 31.78 -7.82 31.95
O6 NAG D . 32.49 -7.18 34.67
O7 NAG D . 30.41 -8.51 27.71
C1 MAN D . 36.24 -9.82 31.66
C2 MAN D . 37.02 -8.55 31.30
C3 MAN D . 38.42 -8.88 30.78
C4 MAN D . 38.49 -10.25 30.14
C5 MAN D . 37.14 -10.63 29.53
C6 MAN D . 37.23 -11.96 28.79
O2 MAN D . 37.09 -7.70 32.45
O3 MAN D . 39.39 -8.82 31.85
O4 MAN D . 39.51 -10.27 29.15
O5 MAN D . 36.12 -10.70 30.53
O6 MAN D . 38.05 -11.84 27.62
C1 BMA D . 40.48 -7.95 31.50
C2 BMA D . 40.20 -6.56 32.06
C3 BMA D . 41.31 -5.60 31.66
C4 BMA D . 42.68 -6.19 31.99
C5 BMA D . 42.81 -7.64 31.50
C6 BMA D . 44.12 -8.27 31.95
O2 BMA D . 40.11 -6.63 33.48
O3 BMA D . 41.16 -4.37 32.32
O4 BMA D . 43.69 -5.41 31.39
O5 BMA D . 41.72 -8.40 32.00
O6 BMA D . 44.12 -9.65 31.68
C1 MAN D . 37.44 -12.09 26.33
C2 MAN D . 36.29 -11.12 26.02
C3 MAN D . 34.90 -11.60 26.42
C4 MAN D . 34.68 -13.10 26.20
C5 MAN D . 35.88 -13.97 26.60
C6 MAN D . 35.72 -15.37 26.05
O2 MAN D . 36.32 -10.81 24.64
O3 MAN D . 33.92 -10.91 25.66
O4 MAN D . 33.58 -13.50 26.99
O5 MAN D . 37.09 -13.45 26.09
O6 MAN D . 34.79 -16.08 26.85
C1 GAL E . -14.85 1.45 44.41
C2 GAL E . -15.52 2.50 43.52
C3 GAL E . -14.59 3.13 42.49
C4 GAL E . -13.20 3.44 43.05
C5 GAL E . -12.69 2.23 43.82
C6 GAL E . -11.30 2.48 44.40
O1 GAL E . -15.69 1.14 45.52
O2 GAL E . -16.61 1.86 42.83
O3 GAL E . -15.17 4.34 41.98
O4 GAL E . -13.24 4.59 43.92
O5 GAL E . -13.59 1.93 44.89
O6 GAL E . -10.89 1.25 45.00
C1 SIA E . -9.97 0.24 43.00
C2 SIA E . -9.74 0.61 44.46
C3 SIA E . -9.53 -0.67 45.28
C4 SIA E . -8.15 -1.26 45.05
C5 SIA E . -7.10 -0.22 45.34
C6 SIA E . -7.32 0.99 44.42
C7 SIA E . -6.34 2.15 44.61
C8 SIA E . -6.76 3.41 43.84
C9 SIA E . -5.56 4.33 43.62
C10 SIA E . -4.68 -0.54 45.54
C11 SIA E . -3.49 -1.32 45.06
N5 SIA E . -5.84 -0.86 44.98
O1A SIA E . -10.76 -0.69 42.72
O1B SIA E . -9.37 0.90 42.11
O4 SIA E . -7.97 -2.41 45.89
O6 SIA E . -8.64 1.51 44.63
O7 SIA E . -6.22 2.45 46.00
O8 SIA E . -7.33 3.09 42.57
O9 SIA E . -6.00 5.61 43.13
O10 SIA E . -4.57 0.34 46.39
C1 NAG F . 6.60 -11.91 -55.32
C2 NAG F . 7.93 -12.65 -55.52
C3 NAG F . 8.23 -13.05 -56.97
C4 NAG F . 6.97 -13.49 -57.68
C5 NAG F . 5.96 -12.35 -57.59
C6 NAG F . 4.72 -12.58 -58.44
C7 NAG F . 9.22 -11.69 -53.68
C8 NAG F . 10.39 -10.86 -53.24
N2 NAG F . 9.04 -11.87 -54.99
O3 NAG F . 9.18 -14.10 -56.97
O4 NAG F . 7.26 -13.88 -59.02
O5 NAG F . 5.58 -12.24 -56.23
O6 NAG F . 3.98 -13.67 -57.91
O7 NAG F . 8.47 -12.17 -52.82
C1 NAG F . 6.87 -15.25 -59.25
C2 NAG F . 7.10 -15.60 -60.72
C3 NAG F . 6.98 -17.11 -60.99
C4 NAG F . 7.60 -17.99 -59.89
C5 NAG F . 7.11 -17.49 -58.54
C6 NAG F . 7.62 -18.31 -57.35
C7 NAG F . 6.38 -13.66 -62.05
C8 NAG F . 5.31 -13.07 -62.92
N2 NAG F . 6.16 -14.89 -61.58
O3 NAG F . 7.56 -17.42 -62.25
O4 NAG F . 7.23 -19.34 -60.08
O5 NAG F . 7.54 -16.14 -58.40
O6 NAG F . 9.03 -18.24 -57.29
O7 NAG F . 7.39 -13.00 -61.80
C1 BMA F . 8.26 -20.15 -60.70
C2 BMA F . 7.98 -21.62 -60.41
C3 BMA F . 9.07 -22.50 -61.04
C4 BMA F . 9.27 -22.17 -62.52
C5 BMA F . 9.43 -20.66 -62.72
C6 BMA F . 9.49 -20.29 -64.21
O2 BMA F . 6.70 -21.98 -60.95
O3 BMA F . 8.73 -23.88 -60.89
O4 BMA F . 10.44 -22.84 -63.00
O5 BMA F . 8.35 -19.95 -62.11
O6 BMA F . 8.24 -20.55 -64.84
C1 NAG G . -17.15 -9.93 -31.87
C2 NAG G . -18.14 -10.87 -31.17
C3 NAG G . -17.43 -12.06 -30.53
C4 NAG G . -16.48 -12.75 -31.51
C5 NAG G . -15.60 -11.71 -32.22
C6 NAG G . -14.75 -12.36 -33.30
C7 NAG G . -20.11 -9.59 -30.46
C8 NAG G . -20.80 -8.88 -29.34
N2 NAG G . -18.93 -10.15 -30.17
O3 NAG G . -18.37 -13.00 -30.05
O4 NAG G . -15.69 -13.68 -30.83
O5 NAG G . -16.42 -10.71 -32.80
O6 NAG G . -13.38 -12.11 -33.05
O7 NAG G . -20.62 -9.64 -31.57
C1 NAG H . -5.37 -14.41 -8.80
C2 NAG H . -5.28 -15.85 -8.28
C3 NAG H . -5.11 -16.89 -9.39
C4 NAG H . -6.08 -16.63 -10.54
C5 NAG H . -5.91 -15.18 -11.01
C6 NAG H . -6.82 -14.83 -12.20
C7 NAG H . -4.45 -15.98 -5.96
C8 NAG H . -3.26 -16.12 -5.05
N2 NAG H . -4.22 -15.98 -7.28
O3 NAG H . -5.35 -18.18 -8.85
O4 NAG H . -5.86 -17.55 -11.59
O5 NAG H . -6.22 -14.32 -9.93
O6 NAG H . -6.20 -13.83 -12.98
O7 NAG H . -5.58 -15.87 -5.46
S1 MPO I . -13.21 -2.38 -50.25
O1 MPO I . -13.82 -2.87 -51.45
O2 MPO I . -11.78 -2.53 -50.34
O4 MPO I . -17.05 2.18 -51.28
N1 MPO I . -14.56 1.81 -50.93
C1 MPO I . -13.61 -0.78 -50.05
O3 MPO I . -13.79 -3.27 -49.00
C2 MPO I . -12.79 0.11 -50.97
C3 MPO I . -13.11 1.57 -50.73
C4 MPO I . -14.80 2.90 -51.88
C5 MPO I . -16.30 3.18 -52.00
C6 MPO I . -16.75 2.13 -49.88
C7 MPO I . -15.23 2.11 -49.66
#